data_4I1N
#
_entry.id   4I1N
#
_cell.length_a   49.267
_cell.length_b   55.642
_cell.length_c   119.213
_cell.angle_alpha   90.00
_cell.angle_beta   90.00
_cell.angle_gamma   90.00
#
_symmetry.space_group_name_H-M   'P 21 21 21'
#
loop_
_entity.id
_entity.type
_entity.pdbx_description
1 polymer 'Dihydrofolate reductase'
2 polymer 'Protein ca1697 (nanobody)'
3 non-polymer 'FOLIC ACID'
4 water water
#
loop_
_entity_poly.entity_id
_entity_poly.type
_entity_poly.pdbx_seq_one_letter_code
_entity_poly.pdbx_strand_id
1 'polypeptide(L)'
;MISLIAALAVDRVIGMENAMPWNLPADLAWFKRNTLNKPVIMGRHTWESIGRPLPGRKNIILSSQPGTDDRVTWVKSVDE
AIAACGDVPEIMVIGGGRVYEQFLPKAQKLYLTHIDAEVEGDTHFPDYEPDDWESVFSEFHDADAQNSHSYCFEILERR
;
A
2 'polypeptide(L)'
;QVQLQESGGGLVQAGASLRLSCAASERLTVDYAIGWFRQAPGKEREFVAAISWGGGLTVYGESVEGRFTISRDIAKNTMN
LQMNVLRPEDTANYYCAASRISYAVWNTIPYNKLTLWGRGTQVTVSSHHHHHH
;
B
#
loop_
_chem_comp.id
_chem_comp.type
_chem_comp.name
_chem_comp.formula
FOL non-polymer 'FOLIC ACID' 'C19 H19 N7 O6'
#
# COMPACT_ATOMS: atom_id res chain seq x y z
N MET A 1 17.66 11.65 18.99
CA MET A 1 16.31 11.44 19.48
C MET A 1 15.52 10.48 18.59
N ILE A 2 14.55 9.78 19.17
CA ILE A 2 13.67 8.86 18.44
C ILE A 2 12.26 9.44 18.27
N SER A 3 11.74 9.41 17.05
CA SER A 3 10.41 9.94 16.75
C SER A 3 9.53 8.88 16.12
N LEU A 4 8.22 8.98 16.32
CA LEU A 4 7.28 8.11 15.62
C LEU A 4 6.47 8.97 14.67
N ILE A 5 6.20 8.46 13.47
CA ILE A 5 5.34 9.17 12.53
C ILE A 5 4.25 8.21 12.05
N ALA A 6 3.01 8.67 12.00
CA ALA A 6 1.90 7.78 11.71
C ALA A 6 0.68 8.56 11.24
N ALA A 7 -0.23 7.87 10.54
CA ALA A 7 -1.51 8.44 10.16
C ALA A 7 -2.57 7.67 10.91
N LEU A 8 -3.42 8.41 11.63
CA LEU A 8 -4.42 7.83 12.50
C LEU A 8 -5.82 8.25 12.07
N ALA A 9 -6.72 7.29 11.90
CA ALA A 9 -8.13 7.59 11.75
C ALA A 9 -8.73 7.78 13.13
N VAL A 10 -10.05 7.89 13.22
CA VAL A 10 -10.72 8.00 14.51
C VAL A 10 -10.37 6.83 15.43
N ASP A 11 -10.23 7.12 16.72
CA ASP A 11 -9.93 6.11 17.75
C ASP A 11 -8.60 5.40 17.51
N ARG A 12 -7.66 6.12 16.92
CA ARG A 12 -6.28 5.64 16.74
C ARG A 12 -6.16 4.46 15.80
N VAL A 13 -7.22 4.15 15.04
CA VAL A 13 -7.13 3.11 14.02
C VAL A 13 -6.08 3.46 12.97
N ILE A 14 -5.23 2.48 12.64
CA ILE A 14 -4.17 2.66 11.65
C ILE A 14 -4.08 1.38 10.84
N GLY A 15 -3.24 1.37 9.81
CA GLY A 15 -3.10 0.15 9.03
C GLY A 15 -2.35 0.29 7.74
N MET A 16 -2.27 -0.80 6.98
CA MET A 16 -1.57 -0.76 5.72
C MET A 16 -2.38 0.01 4.67
N GLU A 17 -1.69 0.54 3.67
CA GLU A 17 -2.37 1.32 2.65
C GLU A 17 -3.51 0.53 2.00
N ASN A 18 -3.30 -0.77 1.78
CA ASN A 18 -4.33 -1.59 1.16
C ASN A 18 -5.59 -1.70 2.01
N ALA A 19 -5.44 -1.47 3.30
CA ALA A 19 -6.57 -1.69 4.21
C ALA A 19 -7.36 -0.41 4.45
N MET A 20 -6.68 0.73 4.33
CA MET A 20 -7.29 1.99 4.75
C MET A 20 -8.03 2.68 3.60
N PRO A 21 -9.18 3.29 3.91
CA PRO A 21 -10.06 3.86 2.87
C PRO A 21 -9.73 5.29 2.45
N TRP A 22 -8.58 5.82 2.84
CA TRP A 22 -8.22 7.20 2.48
C TRP A 22 -7.12 7.24 1.41
N ASN A 23 -7.04 8.35 0.68
CA ASN A 23 -5.95 8.61 -0.26
C ASN A 23 -5.55 10.06 -0.08
N LEU A 24 -4.42 10.28 0.58
CA LEU A 24 -3.99 11.63 0.97
C LEU A 24 -2.58 11.92 0.48
N PRO A 25 -2.42 12.33 -0.80
CA PRO A 25 -1.05 12.56 -1.26
C PRO A 25 -0.36 13.67 -0.45
N ALA A 26 -1.14 14.61 0.07
CA ALA A 26 -0.58 15.68 0.90
C ALA A 26 0.01 15.11 2.19
N ASP A 27 -0.60 14.04 2.71
CA ASP A 27 -0.07 13.42 3.91
C ASP A 27 1.19 12.60 3.59
N LEU A 28 1.21 11.91 2.45
CA LEU A 28 2.41 11.20 2.03
C LEU A 28 3.55 12.20 1.77
N ALA A 29 3.22 13.38 1.26
CA ALA A 29 4.21 14.42 1.05
C ALA A 29 4.79 14.87 2.40
N TRP A 30 3.93 14.98 3.39
CA TRP A 30 4.31 15.36 4.75
C TRP A 30 5.20 14.27 5.35
N PHE A 31 4.85 13.00 5.10
CA PHE A 31 5.65 11.87 5.54
C PHE A 31 7.05 11.95 4.94
N LYS A 32 7.12 12.14 3.63
CA LYS A 32 8.41 12.20 2.94
C LYS A 32 9.21 13.38 3.47
N ARG A 33 8.55 14.52 3.64
CA ARG A 33 9.22 15.74 4.04
C ARG A 33 9.91 15.55 5.41
N ASN A 34 9.24 14.83 6.30
CA ASN A 34 9.71 14.65 7.67
C ASN A 34 10.59 13.42 7.89
N THR A 35 10.73 12.57 6.88
CA THR A 35 11.57 11.38 7.01
C THR A 35 12.81 11.41 6.13
N LEU A 36 12.76 12.19 5.05
CA LEU A 36 13.88 12.26 4.11
C LEU A 36 15.20 12.56 4.82
N ASN A 37 16.25 11.87 4.40
CA ASN A 37 17.61 12.06 4.92
C ASN A 37 17.74 11.64 6.38
N LYS A 38 16.81 10.81 6.84
CA LYS A 38 16.86 10.26 8.19
C LYS A 38 16.71 8.76 8.04
N PRO A 39 17.24 7.98 9.00
CA PRO A 39 16.97 6.54 8.90
C PRO A 39 15.53 6.26 9.29
N VAL A 40 14.89 5.28 8.65
CA VAL A 40 13.54 4.88 9.03
C VAL A 40 13.51 3.43 9.52
N ILE A 41 12.82 3.19 10.64
CA ILE A 41 12.67 1.83 11.15
C ILE A 41 11.23 1.38 10.93
N MET A 42 11.05 0.19 10.36
CA MET A 42 9.71 -0.30 10.07
C MET A 42 9.59 -1.79 10.38
N GLY A 43 8.34 -2.27 10.46
CA GLY A 43 8.10 -3.69 10.67
C GLY A 43 7.99 -4.40 9.33
N ARG A 44 7.86 -5.71 9.34
CA ARG A 44 7.89 -6.48 8.09
C ARG A 44 6.64 -6.26 7.23
N HIS A 45 5.50 -6.08 7.86
CA HIS A 45 4.28 -5.83 7.08
C HIS A 45 4.37 -4.50 6.33
N THR A 46 4.99 -3.51 6.97
CA THR A 46 5.16 -2.21 6.34
C THR A 46 6.12 -2.33 5.15
N TRP A 47 7.20 -3.08 5.35
CA TRP A 47 8.15 -3.35 4.30
C TRP A 47 7.48 -4.06 3.11
N GLU A 48 6.67 -5.08 3.40
CA GLU A 48 5.96 -5.79 2.33
C GLU A 48 5.01 -4.87 1.55
N SER A 49 4.44 -3.87 2.23
CA SER A 49 3.49 -2.98 1.60
CA SER A 49 3.49 -2.96 1.61
C SER A 49 4.16 -2.03 0.61
N ILE A 50 5.29 -1.44 1.00
CA ILE A 50 5.95 -0.45 0.15
C ILE A 50 6.65 -1.09 -1.06
N GLY A 51 7.11 -2.33 -0.87
CA GLY A 51 7.62 -3.13 -1.98
C GLY A 51 9.03 -2.83 -2.44
N ARG A 52 9.59 -1.72 -1.97
CA ARG A 52 10.94 -1.28 -2.36
C ARG A 52 11.41 -0.25 -1.34
N PRO A 53 12.72 0.04 -1.29
CA PRO A 53 13.15 0.99 -0.25
C PRO A 53 12.58 2.38 -0.44
N LEU A 54 12.32 3.08 0.67
CA LEU A 54 11.95 4.47 0.58
C LEU A 54 13.24 5.19 0.19
N PRO A 55 13.20 5.95 -0.91
CA PRO A 55 14.43 6.56 -1.40
C PRO A 55 14.90 7.71 -0.51
N GLY A 56 16.21 7.91 -0.41
CA GLY A 56 16.76 9.04 0.32
C GLY A 56 16.79 8.87 1.84
N ARG A 57 16.54 7.64 2.29
CA ARG A 57 16.56 7.30 3.71
C ARG A 57 17.21 5.95 3.89
N LYS A 58 17.90 5.75 5.01
CA LYS A 58 18.36 4.40 5.36
C LYS A 58 17.17 3.57 5.84
N ASN A 59 16.93 2.44 5.19
CA ASN A 59 15.77 1.60 5.48
C ASN A 59 16.17 0.44 6.38
N ILE A 60 15.59 0.42 7.58
CA ILE A 60 15.89 -0.62 8.55
C ILE A 60 14.60 -1.41 8.87
N ILE A 61 14.64 -2.74 8.72
CA ILE A 61 13.45 -3.54 9.01
C ILE A 61 13.63 -4.32 10.32
N LEU A 62 12.71 -4.15 11.27
CA LEU A 62 12.78 -4.88 12.54
C LEU A 62 11.90 -6.14 12.46
N SER A 63 12.55 -7.29 12.58
CA SER A 63 11.86 -8.58 12.49
C SER A 63 12.71 -9.63 13.19
N SER A 64 12.07 -10.50 13.96
CA SER A 64 12.80 -11.54 14.67
C SER A 64 13.32 -12.60 13.71
N GLN A 65 12.77 -12.63 12.50
CA GLN A 65 13.13 -13.63 11.49
C GLN A 65 14.16 -13.08 10.50
N PRO A 66 14.97 -13.97 9.88
CA PRO A 66 16.02 -13.47 8.99
C PRO A 66 15.50 -12.66 7.80
N GLY A 67 16.35 -11.80 7.25
CA GLY A 67 15.95 -10.92 6.17
C GLY A 67 15.85 -11.63 4.83
N THR A 68 15.00 -11.10 3.95
CA THR A 68 14.75 -11.73 2.64
C THR A 68 14.92 -10.72 1.50
N ASP A 69 15.71 -9.68 1.74
CA ASP A 69 15.97 -8.64 0.73
C ASP A 69 17.20 -7.85 1.15
N ASP A 70 18.31 -8.03 0.44
CA ASP A 70 19.55 -7.34 0.77
C ASP A 70 19.63 -5.86 0.35
N ARG A 71 18.52 -5.31 -0.16
CA ARG A 71 18.47 -3.89 -0.50
C ARG A 71 18.37 -3.04 0.76
N VAL A 72 17.95 -3.67 1.85
CA VAL A 72 17.76 -2.96 3.11
C VAL A 72 18.46 -3.66 4.26
N THR A 73 18.46 -3.01 5.42
CA THR A 73 19.12 -3.55 6.62
C THR A 73 18.09 -4.21 7.53
N TRP A 74 18.40 -5.42 8.00
CA TRP A 74 17.48 -6.19 8.83
C TRP A 74 18.01 -6.30 10.25
N VAL A 75 17.16 -6.02 11.24
CA VAL A 75 17.54 -6.15 12.66
C VAL A 75 16.52 -6.95 13.45
N LYS A 76 16.96 -7.48 14.60
CA LYS A 76 16.14 -8.40 15.38
C LYS A 76 15.66 -7.85 16.72
N SER A 77 16.13 -6.67 17.11
CA SER A 77 15.66 -6.05 18.34
C SER A 77 15.58 -4.53 18.27
N VAL A 78 14.90 -3.93 19.23
CA VAL A 78 14.83 -2.48 19.35
C VAL A 78 16.22 -1.87 19.54
N ASP A 79 16.97 -2.41 20.51
CA ASP A 79 18.33 -1.95 20.77
C ASP A 79 19.18 -2.05 19.50
N GLU A 80 18.98 -3.11 18.74
CA GLU A 80 19.74 -3.36 17.51
CA GLU A 80 19.74 -3.36 17.51
C GLU A 80 19.34 -2.42 16.38
N ALA A 81 18.07 -2.08 16.30
CA ALA A 81 17.60 -1.14 15.28
C ALA A 81 18.22 0.23 15.50
N ILE A 82 18.31 0.62 16.77
CA ILE A 82 18.78 1.96 17.11
C ILE A 82 20.28 2.08 16.82
N ALA A 83 21.04 1.04 17.16
CA ALA A 83 22.45 1.01 16.85
C ALA A 83 22.70 1.11 15.35
N ALA A 84 21.82 0.50 14.56
CA ALA A 84 21.97 0.52 13.10
C ALA A 84 21.75 1.91 12.50
N CYS A 85 21.15 2.82 13.26
CA CYS A 85 20.95 4.19 12.80
C CYS A 85 22.20 5.04 12.98
N GLY A 86 23.01 4.66 13.97
CA GLY A 86 24.25 5.36 14.23
C GLY A 86 24.04 6.71 14.86
N ASP A 87 25.03 7.59 14.69
CA ASP A 87 25.02 8.93 15.27
C ASP A 87 24.26 9.93 14.40
N VAL A 88 22.92 9.91 14.51
CA VAL A 88 22.06 10.85 13.80
C VAL A 88 21.24 11.67 14.81
N PRO A 89 20.82 12.88 14.42
CA PRO A 89 20.03 13.70 15.33
C PRO A 89 18.65 13.10 15.59
N GLU A 90 18.08 12.41 14.61
CA GLU A 90 16.71 11.92 14.72
C GLU A 90 16.43 10.65 13.94
N ILE A 91 15.97 9.64 14.65
CA ILE A 91 15.55 8.37 14.07
C ILE A 91 14.03 8.38 13.90
N MET A 92 13.58 7.99 12.71
CA MET A 92 12.14 7.98 12.40
C MET A 92 11.56 6.57 12.41
N VAL A 93 10.68 6.30 13.37
CA VAL A 93 10.00 5.01 13.42
C VAL A 93 8.68 5.08 12.66
N ILE A 94 8.54 4.27 11.61
CA ILE A 94 7.40 4.41 10.71
C ILE A 94 6.35 3.28 10.76
N GLY A 95 6.34 2.50 11.84
CA GLY A 95 5.28 1.52 12.06
C GLY A 95 5.58 0.13 11.55
N GLY A 96 4.58 -0.76 11.56
CA GLY A 96 3.22 -0.41 11.93
C GLY A 96 2.93 -0.54 13.42
N GLY A 97 1.69 -0.90 13.76
CA GLY A 97 1.20 -0.90 15.14
C GLY A 97 2.10 -1.48 16.21
N ARG A 98 2.59 -2.70 16.00
CA ARG A 98 3.43 -3.35 17.00
C ARG A 98 4.76 -2.63 17.15
N VAL A 99 5.33 -2.20 16.03
CA VAL A 99 6.60 -1.47 16.02
C VAL A 99 6.48 -0.11 16.73
N TYR A 100 5.40 0.61 16.45
CA TYR A 100 5.11 1.84 17.19
C TYR A 100 5.10 1.55 18.69
N GLU A 101 4.40 0.48 19.06
CA GLU A 101 4.30 0.10 20.46
C GLU A 101 5.68 -0.16 21.08
N GLN A 102 6.53 -0.87 20.34
CA GLN A 102 7.88 -1.20 20.81
C GLN A 102 8.80 0.02 20.96
N PHE A 103 8.60 1.05 20.16
CA PHE A 103 9.51 2.22 20.22
C PHE A 103 9.00 3.41 21.03
N LEU A 104 7.69 3.53 21.18
CA LEU A 104 7.10 4.61 21.99
C LEU A 104 7.79 4.90 23.33
N PRO A 105 8.11 3.86 24.14
CA PRO A 105 8.78 4.21 25.41
C PRO A 105 10.12 4.94 25.25
N LYS A 106 10.76 4.81 24.10
CA LYS A 106 12.06 5.46 23.88
C LYS A 106 11.93 6.80 23.15
N ALA A 107 10.72 7.13 22.70
CA ALA A 107 10.51 8.27 21.80
C ALA A 107 10.28 9.56 22.57
N GLN A 108 10.65 10.68 21.95
CA GLN A 108 10.44 12.00 22.54
C GLN A 108 9.56 12.88 21.68
N LYS A 109 9.22 12.41 20.47
CA LYS A 109 8.50 13.24 19.52
CA LYS A 109 8.52 13.24 19.51
C LYS A 109 7.54 12.38 18.70
N LEU A 110 6.35 12.90 18.44
CA LEU A 110 5.38 12.18 17.63
C LEU A 110 4.91 13.09 16.49
N TYR A 111 4.90 12.56 15.27
CA TYR A 111 4.33 13.26 14.13
C TYR A 111 3.05 12.53 13.75
N LEU A 112 1.90 13.12 14.06
CA LEU A 112 0.65 12.39 13.87
C LEU A 112 -0.24 13.11 12.86
N THR A 113 -0.78 12.36 11.91
CA THR A 113 -1.78 12.92 11.02
C THR A 113 -3.14 12.37 11.43
N HIS A 114 -3.98 13.25 11.95
CA HIS A 114 -5.31 12.88 12.41
C HIS A 114 -6.27 13.00 11.24
N ILE A 115 -6.77 11.86 10.77
CA ILE A 115 -7.61 11.84 9.57
C ILE A 115 -9.07 11.72 9.96
N ASP A 116 -9.91 12.57 9.39
CA ASP A 116 -11.33 12.57 9.72
C ASP A 116 -12.05 11.43 9.00
N ALA A 117 -11.78 10.21 9.43
CA ALA A 117 -12.40 9.02 8.86
C ALA A 117 -12.66 8.03 9.97
N GLU A 118 -13.85 7.45 9.99
CA GLU A 118 -14.15 6.37 10.92
C GLU A 118 -13.87 5.08 10.19
N VAL A 119 -12.92 4.31 10.72
CA VAL A 119 -12.44 3.13 10.03
C VAL A 119 -12.59 1.90 10.91
N GLU A 120 -13.18 0.83 10.35
CA GLU A 120 -13.22 -0.45 11.02
C GLU A 120 -11.84 -1.07 10.86
N GLY A 121 -11.24 -1.46 11.96
CA GLY A 121 -9.91 -2.07 11.93
C GLY A 121 -9.50 -2.55 13.30
N ASP A 122 -8.55 -3.48 13.35
CA ASP A 122 -8.11 -4.02 14.63
C ASP A 122 -6.72 -3.56 15.07
N THR A 123 -6.01 -2.86 14.19
CA THR A 123 -4.71 -2.30 14.56
C THR A 123 -4.87 -0.86 15.00
N HIS A 124 -4.26 -0.50 16.14
CA HIS A 124 -4.29 0.89 16.61
C HIS A 124 -2.89 1.43 16.91
N PHE A 125 -2.73 2.74 16.77
CA PHE A 125 -1.56 3.41 17.30
C PHE A 125 -1.59 3.21 18.83
N PRO A 126 -0.44 3.03 19.46
CA PRO A 126 -0.41 2.75 20.90
C PRO A 126 -1.11 3.86 21.69
N ASP A 127 -1.71 3.50 22.83
CA ASP A 127 -2.48 4.47 23.60
C ASP A 127 -1.58 5.38 24.44
N TYR A 128 -0.94 6.36 23.79
CA TYR A 128 -0.04 7.27 24.50
C TYR A 128 -0.85 8.12 25.46
N GLU A 129 -0.24 8.55 26.56
CA GLU A 129 -0.97 9.35 27.52
C GLU A 129 -0.86 10.82 27.16
N PRO A 130 -1.90 11.36 26.51
CA PRO A 130 -1.89 12.71 25.92
C PRO A 130 -1.37 13.79 26.87
N ASP A 131 -1.70 13.69 28.15
CA ASP A 131 -1.31 14.73 29.09
C ASP A 131 0.22 14.76 29.30
N ASP A 132 0.90 13.70 28.87
CA ASP A 132 2.34 13.61 29.05
C ASP A 132 3.07 14.18 27.84
N TRP A 133 2.29 14.60 26.84
CA TRP A 133 2.85 15.07 25.59
C TRP A 133 2.37 16.49 25.35
N GLU A 134 3.25 17.32 24.79
CA GLU A 134 2.86 18.70 24.52
C GLU A 134 2.75 18.94 23.03
N SER A 135 1.60 19.46 22.62
CA SER A 135 1.38 19.74 21.20
C SER A 135 2.12 21.02 20.83
N VAL A 136 3.06 20.93 19.88
CA VAL A 136 3.90 22.06 19.49
C VAL A 136 3.57 22.57 18.10
N PHE A 137 2.83 21.77 17.34
CA PHE A 137 2.44 22.17 15.99
C PHE A 137 1.15 21.48 15.60
N SER A 138 0.24 22.23 14.99
CA SER A 138 -1.03 21.67 14.52
C SER A 138 -1.41 22.38 13.23
N GLU A 139 -1.88 21.63 12.24
CA GLU A 139 -2.22 22.24 10.95
C GLU A 139 -3.34 21.49 10.24
N PHE A 140 -4.49 22.15 10.10
CA PHE A 140 -5.69 21.46 9.62
C PHE A 140 -5.90 21.68 8.13
N HIS A 141 -6.35 20.64 7.43
CA HIS A 141 -6.64 20.77 6.00
C HIS A 141 -7.96 20.11 5.63
N ASP A 142 -8.73 20.79 4.80
CA ASP A 142 -9.95 20.23 4.24
C ASP A 142 -9.63 19.19 3.17
N ALA A 143 -10.56 18.24 2.98
CA ALA A 143 -10.51 17.38 1.81
C ALA A 143 -10.57 18.25 0.55
N ASP A 144 -9.97 17.78 -0.54
CA ASP A 144 -10.01 18.51 -1.80
C ASP A 144 -9.96 17.56 -3.00
N ALA A 145 -9.75 18.10 -4.18
CA ALA A 145 -9.72 17.29 -5.40
C ALA A 145 -8.72 16.14 -5.32
N GLN A 146 -7.64 16.34 -4.59
CA GLN A 146 -6.56 15.34 -4.49
C GLN A 146 -6.66 14.49 -3.23
N ASN A 147 -7.23 15.04 -2.17
CA ASN A 147 -7.20 14.39 -0.86
C ASN A 147 -8.58 13.96 -0.37
N SER A 148 -8.77 12.64 -0.23
CA SER A 148 -10.09 12.07 0.02
C SER A 148 -10.78 12.58 1.28
N HIS A 149 -10.01 12.79 2.35
CA HIS A 149 -10.57 13.18 3.64
C HIS A 149 -9.90 14.45 4.17
N SER A 150 -10.49 15.08 5.17
CA SER A 150 -9.79 16.16 5.85
C SER A 150 -8.80 15.52 6.83
N TYR A 151 -7.78 16.29 7.22
CA TYR A 151 -6.66 15.73 7.97
C TYR A 151 -5.97 16.85 8.70
N CYS A 152 -5.34 16.50 9.82
CA CYS A 152 -4.66 17.51 10.62
C CYS A 152 -3.27 17.02 11.01
N PHE A 153 -2.24 17.75 10.59
CA PHE A 153 -0.87 17.37 10.96
C PHE A 153 -0.63 17.83 12.39
N GLU A 154 -0.08 16.95 13.22
CA GLU A 154 0.28 17.37 14.58
C GLU A 154 1.66 16.88 14.98
N ILE A 155 2.41 17.74 15.67
CA ILE A 155 3.68 17.32 16.26
C ILE A 155 3.60 17.47 17.78
N LEU A 156 3.91 16.39 18.48
CA LEU A 156 3.93 16.42 19.95
C LEU A 156 5.33 16.09 20.45
N GLU A 157 5.74 16.78 21.52
CA GLU A 157 7.01 16.46 22.18
C GLU A 157 6.73 15.97 23.59
N ARG A 158 7.44 14.94 24.01
CA ARG A 158 7.26 14.39 25.35
C ARG A 158 7.63 15.43 26.39
N ARG A 159 6.77 15.57 27.41
CA ARG A 159 6.97 16.57 28.45
C ARG A 159 8.10 16.20 29.39
N GLN B 1 -0.31 -20.69 -1.88
CA GLN B 1 -1.44 -21.20 -1.12
C GLN B 1 -2.77 -20.69 -1.70
N VAL B 2 -2.92 -19.38 -1.76
CA VAL B 2 -4.08 -18.80 -2.42
C VAL B 2 -3.90 -19.03 -3.92
N GLN B 3 -4.95 -19.56 -4.58
CA GLN B 3 -4.91 -19.72 -6.03
C GLN B 3 -5.87 -18.74 -6.69
N LEU B 4 -5.44 -18.19 -7.82
CA LEU B 4 -6.24 -17.22 -8.55
C LEU B 4 -6.73 -17.84 -9.86
N GLN B 5 -8.01 -17.70 -10.14
CA GLN B 5 -8.56 -18.30 -11.35
C GLN B 5 -9.31 -17.27 -12.18
N GLU B 6 -8.74 -16.95 -13.34
CA GLU B 6 -9.34 -16.00 -14.28
C GLU B 6 -10.45 -16.62 -15.11
N SER B 7 -11.32 -15.77 -15.62
CA SER B 7 -12.33 -16.21 -16.57
C SER B 7 -12.86 -15.00 -17.34
N GLY B 8 -13.54 -15.29 -18.45
CA GLY B 8 -14.20 -14.24 -19.21
C GLY B 8 -13.48 -13.82 -20.47
N GLY B 9 -12.33 -14.41 -20.75
CA GLY B 9 -11.61 -14.05 -21.96
C GLY B 9 -12.37 -14.54 -23.19
N GLY B 10 -12.03 -13.98 -24.35
CA GLY B 10 -12.70 -14.36 -25.57
C GLY B 10 -12.32 -13.41 -26.69
N LEU B 11 -13.01 -13.54 -27.81
CA LEU B 11 -12.72 -12.72 -29.00
C LEU B 11 -13.88 -11.77 -29.20
N VAL B 12 -13.60 -10.47 -29.26
CA VAL B 12 -14.66 -9.50 -29.62
C VAL B 12 -14.14 -8.50 -30.64
N GLN B 13 -15.07 -7.73 -31.22
CA GLN B 13 -14.68 -6.75 -32.23
C GLN B 13 -14.23 -5.47 -31.58
N ALA B 14 -13.48 -4.66 -32.31
CA ALA B 14 -13.06 -3.34 -31.80
C ALA B 14 -14.30 -2.52 -31.45
N GLY B 15 -14.27 -1.85 -30.30
CA GLY B 15 -15.39 -1.04 -29.85
C GLY B 15 -16.26 -1.76 -28.85
N ALA B 16 -16.17 -3.08 -28.81
CA ALA B 16 -17.01 -3.89 -27.92
C ALA B 16 -16.48 -3.87 -26.48
N SER B 17 -17.24 -4.43 -25.56
CA SER B 17 -16.80 -4.55 -24.19
C SER B 17 -16.58 -6.01 -23.84
N LEU B 18 -15.86 -6.26 -22.74
CA LEU B 18 -15.64 -7.62 -22.25
C LEU B 18 -15.37 -7.53 -20.75
N ARG B 19 -15.90 -8.49 -20.00
CA ARG B 19 -15.76 -8.46 -18.55
C ARG B 19 -14.93 -9.65 -18.12
N LEU B 20 -13.83 -9.38 -17.43
CA LEU B 20 -12.98 -10.43 -16.90
C LEU B 20 -13.29 -10.57 -15.42
N SER B 21 -13.12 -11.78 -14.90
CA SER B 21 -13.30 -12.03 -13.48
CA SER B 21 -13.32 -12.05 -13.48
C SER B 21 -12.12 -12.81 -12.92
N CYS B 22 -11.88 -12.63 -11.61
CA CYS B 22 -10.81 -13.38 -10.95
C CYS B 22 -11.32 -13.81 -9.58
N ALA B 23 -11.21 -15.11 -9.31
CA ALA B 23 -11.68 -15.70 -8.08
C ALA B 23 -10.47 -16.20 -7.33
N ALA B 24 -10.45 -15.98 -6.01
CA ALA B 24 -9.38 -16.46 -5.15
C ALA B 24 -9.86 -17.67 -4.35
N SER B 25 -8.99 -18.67 -4.21
CA SER B 25 -9.40 -19.95 -3.61
C SER B 25 -9.55 -19.86 -2.10
N GLU B 26 -8.91 -18.85 -1.49
CA GLU B 26 -9.07 -18.57 -0.07
C GLU B 26 -9.37 -17.09 0.09
N ARG B 27 -10.03 -16.72 1.20
CA ARG B 27 -10.35 -15.32 1.44
C ARG B 27 -9.12 -14.43 1.59
N LEU B 28 -9.10 -13.32 0.87
CA LEU B 28 -8.02 -12.34 1.03
C LEU B 28 -8.24 -11.53 2.30
N THR B 29 -7.15 -11.02 2.88
CA THR B 29 -7.27 -10.14 4.04
C THR B 29 -7.27 -8.70 3.56
N VAL B 30 -7.62 -7.79 4.46
CA VAL B 30 -7.70 -6.36 4.11
C VAL B 30 -6.37 -5.78 3.63
N ASP B 31 -5.26 -6.41 4.00
CA ASP B 31 -3.93 -5.92 3.64
C ASP B 31 -3.51 -6.27 2.22
N TYR B 32 -4.35 -7.02 1.51
CA TYR B 32 -4.03 -7.42 0.13
C TYR B 32 -4.52 -6.43 -0.92
N ALA B 33 -3.91 -6.52 -2.10
CA ALA B 33 -4.42 -5.88 -3.32
C ALA B 33 -4.49 -6.99 -4.35
N ILE B 34 -5.35 -6.79 -5.35
CA ILE B 34 -5.57 -7.78 -6.38
C ILE B 34 -5.75 -7.01 -7.68
N GLY B 35 -5.29 -7.56 -8.80
CA GLY B 35 -5.28 -6.79 -10.02
C GLY B 35 -4.96 -7.59 -11.26
N TRP B 36 -4.78 -6.87 -12.38
CA TRP B 36 -4.52 -7.48 -13.67
C TRP B 36 -3.23 -6.97 -14.28
N PHE B 37 -2.48 -7.87 -14.92
CA PHE B 37 -1.40 -7.49 -15.80
C PHE B 37 -1.76 -8.12 -17.14
N ARG B 38 -1.15 -7.65 -18.22
CA ARG B 38 -1.38 -8.31 -19.50
C ARG B 38 -0.09 -8.45 -20.26
N GLN B 39 -0.04 -9.41 -21.18
CA GLN B 39 1.16 -9.59 -21.96
C GLN B 39 0.80 -10.07 -23.35
N ALA B 40 1.20 -9.29 -24.36
CA ALA B 40 0.95 -9.62 -25.76
C ALA B 40 2.16 -10.36 -26.31
N PRO B 41 2.00 -11.05 -27.45
CA PRO B 41 3.14 -11.81 -27.99
C PRO B 41 4.34 -10.93 -28.25
N GLY B 42 5.51 -11.31 -27.72
CA GLY B 42 6.75 -10.62 -28.00
C GLY B 42 6.99 -9.38 -27.16
N LYS B 43 6.02 -9.03 -26.32
CA LYS B 43 6.10 -7.82 -25.52
C LYS B 43 6.23 -8.14 -24.04
N GLU B 44 6.72 -7.18 -23.28
CA GLU B 44 6.81 -7.34 -21.83
C GLU B 44 5.45 -7.25 -21.17
N ARG B 45 5.32 -7.91 -20.03
CA ARG B 45 4.10 -7.85 -19.25
C ARG B 45 3.88 -6.41 -18.80
N GLU B 46 2.63 -5.95 -18.76
CA GLU B 46 2.40 -4.59 -18.32
C GLU B 46 1.20 -4.51 -17.38
N PHE B 47 1.24 -3.55 -16.47
CA PHE B 47 0.17 -3.37 -15.50
C PHE B 47 -1.12 -2.84 -16.15
N VAL B 48 -2.27 -3.36 -15.72
CA VAL B 48 -3.55 -2.91 -16.26
C VAL B 48 -4.38 -2.20 -15.20
N ALA B 49 -4.62 -2.88 -14.07
CA ALA B 49 -5.46 -2.28 -13.01
C ALA B 49 -5.26 -3.01 -11.68
N ALA B 50 -5.48 -2.29 -10.58
CA ALA B 50 -5.39 -2.93 -9.26
C ALA B 50 -6.39 -2.30 -8.31
N ILE B 51 -6.86 -3.09 -7.35
CA ILE B 51 -7.77 -2.59 -6.34
C ILE B 51 -7.32 -3.07 -4.97
N SER B 52 -7.37 -2.20 -3.96
CA SER B 52 -6.98 -2.62 -2.62
C SER B 52 -8.11 -3.45 -2.02
N TRP B 53 -7.79 -4.53 -1.32
CA TRP B 53 -8.84 -5.42 -0.86
C TRP B 53 -9.66 -4.80 0.27
N GLY B 54 -8.99 -4.17 1.22
CA GLY B 54 -9.67 -3.53 2.33
C GLY B 54 -10.35 -2.23 1.91
N GLY B 55 -9.56 -1.33 1.32
CA GLY B 55 -10.02 0.02 1.05
C GLY B 55 -10.90 0.14 -0.18
N GLY B 56 -10.71 -0.77 -1.14
CA GLY B 56 -11.41 -0.72 -2.41
C GLY B 56 -10.96 0.44 -3.30
N LEU B 57 -9.73 0.90 -3.10
CA LEU B 57 -9.20 2.04 -3.86
C LEU B 57 -8.53 1.50 -5.11
N THR B 58 -8.52 2.28 -6.19
CA THR B 58 -8.06 1.71 -7.48
C THR B 58 -6.99 2.53 -8.17
N VAL B 59 -6.24 1.87 -9.06
CA VAL B 59 -5.26 2.56 -9.90
C VAL B 59 -5.20 1.85 -11.26
N TYR B 60 -4.91 2.58 -12.34
CA TYR B 60 -5.00 2.02 -13.68
C TYR B 60 -3.74 2.26 -14.50
N GLY B 61 -3.45 1.36 -15.44
CA GLY B 61 -2.36 1.58 -16.37
C GLY B 61 -2.75 2.75 -17.25
N GLU B 62 -1.76 3.50 -17.75
CA GLU B 62 -2.06 4.72 -18.50
C GLU B 62 -2.82 4.47 -19.81
N SER B 63 -2.64 3.30 -20.41
CA SER B 63 -3.26 3.05 -21.71
C SER B 63 -4.72 2.63 -21.60
N VAL B 64 -5.19 2.39 -20.38
CA VAL B 64 -6.58 1.98 -20.16
C VAL B 64 -7.40 2.87 -19.22
N GLU B 65 -6.85 4.02 -18.83
CA GLU B 65 -7.58 4.99 -17.99
C GLU B 65 -8.88 5.39 -18.67
N GLY B 66 -9.98 5.37 -17.92
CA GLY B 66 -11.24 5.85 -18.43
C GLY B 66 -12.06 4.77 -19.11
N ARG B 67 -11.38 3.75 -19.64
CA ARG B 67 -12.05 2.71 -20.44
C ARG B 67 -12.34 1.45 -19.66
N PHE B 68 -11.49 1.15 -18.66
CA PHE B 68 -11.61 -0.07 -17.86
C PHE B 68 -11.98 0.28 -16.42
N THR B 69 -12.79 -0.56 -15.78
CA THR B 69 -13.14 -0.36 -14.38
C THR B 69 -12.91 -1.64 -13.57
N ILE B 70 -12.11 -1.52 -12.52
CA ILE B 70 -11.89 -2.66 -11.63
C ILE B 70 -12.73 -2.52 -10.35
N SER B 71 -13.30 -3.64 -9.90
CA SER B 71 -14.14 -3.66 -8.71
C SER B 71 -13.89 -4.96 -7.96
N ARG B 72 -14.31 -5.08 -6.72
CA ARG B 72 -14.21 -6.37 -6.03
C ARG B 72 -15.34 -6.55 -5.05
N ASP B 73 -15.75 -7.79 -4.86
CA ASP B 73 -16.73 -8.10 -3.83
C ASP B 73 -16.11 -8.93 -2.70
N ILE B 74 -16.12 -8.38 -1.49
CA ILE B 74 -15.47 -9.04 -0.36
C ILE B 74 -16.18 -10.35 -0.02
N ALA B 75 -17.51 -10.33 -0.01
CA ALA B 75 -18.28 -11.50 0.38
C ALA B 75 -18.03 -12.68 -0.57
N LYS B 76 -18.15 -12.41 -1.87
CA LYS B 76 -17.94 -13.42 -2.91
C LYS B 76 -16.46 -13.78 -3.13
N ASN B 77 -15.56 -12.97 -2.58
CA ASN B 77 -14.12 -13.19 -2.72
C ASN B 77 -13.70 -13.17 -4.19
N THR B 78 -14.26 -12.23 -4.95
CA THR B 78 -13.99 -12.13 -6.37
C THR B 78 -13.66 -10.70 -6.76
N MET B 79 -12.93 -10.56 -7.86
CA MET B 79 -12.65 -9.24 -8.44
C MET B 79 -13.06 -9.27 -9.91
N ASN B 80 -13.45 -8.13 -10.46
CA ASN B 80 -13.84 -8.06 -11.87
C ASN B 80 -13.18 -6.87 -12.56
N LEU B 81 -12.94 -7.02 -13.87
CA LEU B 81 -12.47 -5.92 -14.70
C LEU B 81 -13.47 -5.73 -15.83
N GLN B 82 -14.17 -4.60 -15.84
CA GLN B 82 -15.08 -4.31 -16.94
C GLN B 82 -14.29 -3.52 -17.97
N MET B 83 -14.07 -4.10 -19.15
CA MET B 83 -13.25 -3.47 -20.18
C MET B 83 -14.12 -2.91 -21.29
N ASN B 84 -14.09 -1.60 -21.50
CA ASN B 84 -14.91 -0.97 -22.54
C ASN B 84 -14.13 -0.35 -23.69
N VAL B 85 -14.85 -0.09 -24.78
CA VAL B 85 -14.26 0.52 -25.98
C VAL B 85 -12.93 -0.13 -26.29
N LEU B 86 -12.96 -1.46 -26.40
CA LEU B 86 -11.75 -2.22 -26.68
C LEU B 86 -11.13 -1.85 -28.01
N ARG B 87 -9.79 -1.84 -28.02
CA ARG B 87 -9.02 -1.51 -29.21
C ARG B 87 -8.19 -2.72 -29.54
N PRO B 88 -7.78 -2.86 -30.80
CA PRO B 88 -6.97 -4.03 -31.19
C PRO B 88 -5.72 -4.21 -30.33
N GLU B 89 -5.08 -3.12 -29.91
CA GLU B 89 -3.86 -3.22 -29.11
C GLU B 89 -4.11 -3.70 -27.67
N ASP B 90 -5.38 -3.90 -27.31
CA ASP B 90 -5.74 -4.45 -26.00
C ASP B 90 -5.61 -5.98 -26.02
N THR B 91 -5.34 -6.53 -27.20
CA THR B 91 -5.14 -7.97 -27.36
C THR B 91 -3.95 -8.44 -26.53
N ALA B 92 -4.16 -9.44 -25.69
CA ALA B 92 -3.12 -9.97 -24.81
C ALA B 92 -3.65 -11.15 -23.99
N ASN B 93 -2.73 -11.87 -23.35
CA ASN B 93 -3.13 -12.76 -22.28
C ASN B 93 -3.23 -11.91 -21.02
N TYR B 94 -4.38 -11.94 -20.35
CA TYR B 94 -4.57 -11.16 -19.12
C TYR B 94 -4.39 -12.05 -17.88
N TYR B 95 -3.54 -11.61 -16.97
CA TYR B 95 -3.25 -12.39 -15.76
C TYR B 95 -3.72 -11.69 -14.51
N CYS B 96 -4.44 -12.42 -13.66
CA CYS B 96 -4.82 -11.93 -12.33
C CYS B 96 -3.65 -12.12 -11.37
N ALA B 97 -3.40 -11.14 -10.50
CA ALA B 97 -2.35 -11.26 -9.48
C ALA B 97 -2.84 -10.69 -8.15
N ALA B 98 -2.23 -11.13 -7.06
CA ALA B 98 -2.56 -10.62 -5.72
C ALA B 98 -1.30 -10.53 -4.88
N SER B 99 -1.27 -9.59 -3.95
CA SER B 99 -0.04 -9.34 -3.20
C SER B 99 -0.32 -8.43 -2.02
N ARG B 100 0.57 -8.45 -1.04
CA ARG B 100 0.48 -7.49 0.06
C ARG B 100 1.13 -6.17 -0.31
N ILE B 101 1.72 -6.09 -1.51
CA ILE B 101 2.26 -4.82 -1.99
C ILE B 101 1.13 -3.80 -2.18
N SER B 102 1.34 -2.58 -1.73
CA SER B 102 0.33 -1.53 -1.85
C SER B 102 -0.16 -1.34 -3.29
N TYR B 103 -1.47 -1.29 -3.47
CA TYR B 103 -2.07 -1.18 -4.80
C TYR B 103 -1.48 -0.02 -5.61
N ALA B 104 -1.07 1.04 -4.92
CA ALA B 104 -0.65 2.27 -5.58
C ALA B 104 0.72 2.14 -6.27
N VAL B 105 1.45 1.09 -5.88
CA VAL B 105 2.82 0.83 -6.35
C VAL B 105 2.78 -0.17 -7.54
N TRP B 106 1.62 -0.79 -7.78
CA TRP B 106 1.54 -1.84 -8.80
C TRP B 106 1.88 -1.34 -10.20
N ASN B 107 1.68 -0.05 -10.46
CA ASN B 107 1.96 0.47 -11.79
C ASN B 107 3.44 0.58 -12.07
N THR B 108 4.29 0.46 -11.05
CA THR B 108 5.74 0.51 -11.25
C THR B 108 6.53 -0.67 -10.65
N ILE B 109 5.88 -1.50 -9.84
CA ILE B 109 6.58 -2.62 -9.21
C ILE B 109 6.97 -3.64 -10.26
N PRO B 110 8.20 -4.20 -10.17
CA PRO B 110 8.51 -5.30 -11.11
C PRO B 110 7.52 -6.43 -10.84
N TYR B 111 6.94 -7.02 -11.88
CA TYR B 111 5.79 -7.90 -11.66
C TYR B 111 6.15 -9.18 -10.89
N ASN B 112 7.38 -9.64 -11.02
CA ASN B 112 7.80 -10.88 -10.34
C ASN B 112 7.99 -10.70 -8.83
N LYS B 113 7.70 -9.51 -8.32
CA LYS B 113 7.68 -9.30 -6.87
C LYS B 113 6.30 -9.63 -6.28
N LEU B 114 5.32 -9.82 -7.16
CA LEU B 114 4.01 -10.29 -6.75
C LEU B 114 4.07 -11.81 -6.94
N THR B 115 3.66 -12.58 -5.93
CA THR B 115 3.93 -14.01 -5.94
C THR B 115 2.70 -14.89 -6.14
N LEU B 116 1.52 -14.28 -6.11
CA LEU B 116 0.29 -15.00 -6.41
C LEU B 116 -0.16 -14.59 -7.79
N TRP B 117 -0.24 -15.56 -8.70
CA TRP B 117 -0.53 -15.32 -10.11
C TRP B 117 -1.49 -16.37 -10.61
N GLY B 118 -2.43 -15.97 -11.45
CA GLY B 118 -3.29 -16.90 -12.16
C GLY B 118 -2.57 -17.30 -13.44
N ARG B 119 -3.19 -18.17 -14.24
CA ARG B 119 -2.54 -18.71 -15.42
C ARG B 119 -2.90 -17.95 -16.68
N GLY B 120 -3.70 -16.89 -16.52
CA GLY B 120 -4.03 -16.02 -17.64
C GLY B 120 -5.29 -16.40 -18.39
N THR B 121 -5.94 -15.40 -19.01
CA THR B 121 -7.10 -15.63 -19.86
C THR B 121 -6.89 -14.79 -21.12
N GLN B 122 -7.06 -15.41 -22.27
CA GLN B 122 -6.79 -14.72 -23.53
C GLN B 122 -7.90 -13.76 -23.94
N VAL B 123 -7.51 -12.52 -24.25
CA VAL B 123 -8.42 -11.54 -24.84
C VAL B 123 -7.95 -11.13 -26.22
N THR B 124 -8.83 -11.26 -27.20
CA THR B 124 -8.48 -10.90 -28.57
C THR B 124 -9.51 -9.93 -29.12
N VAL B 125 -9.02 -8.77 -29.56
CA VAL B 125 -9.87 -7.73 -30.11
C VAL B 125 -9.54 -7.58 -31.58
N SER B 126 -10.49 -7.87 -32.46
CA SER B 126 -10.23 -7.79 -33.89
C SER B 126 -10.68 -6.48 -34.52
N SER B 127 -10.02 -6.12 -35.62
CA SER B 127 -10.52 -5.11 -36.53
C SER B 127 -11.22 -5.87 -37.64
N HIS B 128 -10.79 -7.12 -37.85
CA HIS B 128 -11.38 -8.00 -38.85
C HIS B 128 -10.95 -9.46 -38.65
N1 FOL C . 2.72 8.54 8.39
C2 FOL C . 1.77 9.42 7.76
NA2 FOL C . 1.56 10.76 8.19
N3 FOL C . 1.04 8.93 6.65
C4 FOL C . 1.22 7.63 6.18
O4 FOL C . 0.55 7.25 5.22
C4A FOL C . 2.20 6.75 6.84
N5 FOL C . 2.38 5.50 6.39
C6 FOL C . 3.27 4.69 6.99
C7 FOL C . 4.00 5.15 8.07
N8 FOL C . 3.84 6.41 8.54
C8A FOL C . 2.93 7.20 7.93
C9 FOL C . 3.45 3.33 6.46
N10 FOL C . 3.06 3.18 5.06
C11 FOL C . 4.59 5.40 1.82
C12 FOL C . 3.43 4.65 1.70
C13 FOL C . 2.94 3.93 2.79
C14 FOL C . 3.60 3.93 4.00
C15 FOL C . 4.77 4.68 4.13
C16 FOL C . 5.27 5.40 3.04
C FOL C . 5.13 6.16 0.63
O FOL C . 4.76 5.90 -0.50
N FOL C . 6.09 7.18 0.82
CA FOL C . 6.66 7.93 -0.26
CB FOL C . 5.81 9.10 -0.55
CG FOL C . 6.19 9.96 -1.75
CD FOL C . 5.41 11.19 -1.97
OE1 FOL C . 4.20 11.20 -1.74
OE2 FOL C . 5.98 12.22 -2.37
CT FOL C . 7.98 8.42 0.25
O1 FOL C . 8.05 8.73 1.47
O2 FOL C . 8.99 8.53 -0.50
#